data_3JS8
#
_entry.id   3JS8
#
_cell.length_a   62.227
_cell.length_b   90.380
_cell.length_c   124.198
_cell.angle_alpha   90.00
_cell.angle_beta   90.00
_cell.angle_gamma   90.00
#
_symmetry.space_group_name_H-M   'P 21 21 21'
#
loop_
_entity.id
_entity.type
_entity.pdbx_description
1 polymer 'Cholesterol oxidase'
2 branched beta-D-fructofuranose-(2-1)-alpha-D-glucopyranose
3 non-polymer 'FLAVIN-ADENINE DINUCLEOTIDE'
4 water water
#
_entity_poly.entity_id   1
_entity_poly.type   'polypeptide(L)'
_entity_poly.pdbx_seq_one_letter_code
;TCSQPNNFPAEIPLYKQSFKNWAGDIKVDDVWTCAPRSADEVVKVANWAKDNGYKVRARGMMHNWSPLTLAAGVSCPAVV
LLDTTRYLTAMSIDASGPVAKVTAQAGITMEALLTGLEKAGLGVTAAPAPGDLTLGGVLAINGHGTAIPAKGERRLAGAS
YGSISNLVLSLTAVVYDKASGAYALRKFARNDPQIAPLLAHVGRSLIVEATLQAAPNQRLRCQSWFNIPYGEMFAAAGSG
GRTFASYLDSAGRVEAIWFPFTSNPWLKVWTVTPNKPLFSRQTDKPFNYPFSDNLPDEVTDLANKILSLGDGKLTPAFGK
AQFAAASAGLVATASWDLWGWSKNLLLYVKPTTLRVTANGYAVLTRRENVQRVLNEFVTFYQARVQAYQQQGRYPMNGPV
EIRVTGLDDPSEAALSGGVAPALSAIRPRPDHPEWNVAVWLDILTLPGTPYANQFYREIEQWIEANFNGSYAAVRPEWSK
GWGYTDQAAWADSAMLQTTIPNAFRAGQPAAANWDAAKAALAAYDPYRLFSSPLLDSLGL
;
_entity_poly.pdbx_strand_id   A
#
# COMPACT_ATOMS: atom_id res chain seq x y z
N SER A 3 -23.42 22.00 -12.57
CA SER A 3 -24.69 21.35 -12.28
C SER A 3 -24.66 20.90 -10.80
N GLN A 4 -25.52 21.50 -9.98
CA GLN A 4 -25.55 21.09 -8.60
C GLN A 4 -26.52 19.91 -8.42
N PRO A 5 -26.15 18.93 -7.60
CA PRO A 5 -27.04 17.78 -7.40
C PRO A 5 -28.35 18.25 -6.76
N ASN A 6 -29.46 17.69 -7.22
CA ASN A 6 -30.78 18.02 -6.71
C ASN A 6 -31.34 17.06 -5.67
N ASN A 7 -32.06 17.61 -4.68
CA ASN A 7 -32.66 16.79 -3.64
C ASN A 7 -31.64 16.08 -2.69
N PHE A 8 -30.43 16.61 -2.57
CA PHE A 8 -29.43 15.98 -1.68
C PHE A 8 -29.95 16.11 -0.25
N PRO A 9 -29.72 15.11 0.61
CA PRO A 9 -30.19 15.13 2.01
C PRO A 9 -29.96 16.52 2.62
N ALA A 10 -31.07 17.14 3.04
CA ALA A 10 -31.01 18.51 3.50
C ALA A 10 -30.11 18.81 4.70
N GLU A 11 -29.97 17.85 5.59
CA GLU A 11 -29.20 18.04 6.80
C GLU A 11 -27.71 17.74 6.61
N ILE A 12 -27.33 17.29 5.41
CA ILE A 12 -25.93 17.02 5.16
C ILE A 12 -25.37 18.08 4.20
N PRO A 13 -24.56 18.99 4.71
CA PRO A 13 -23.99 20.02 3.85
C PRO A 13 -23.23 19.43 2.66
N LEU A 14 -23.48 19.98 1.49
CA LEU A 14 -22.84 19.53 0.25
C LEU A 14 -22.07 20.73 -0.32
N TYR A 15 -20.83 20.52 -0.76
CA TYR A 15 -20.01 21.62 -1.24
C TYR A 15 -18.99 21.17 -2.28
N LYS A 16 -18.45 22.12 -3.02
CA LYS A 16 -17.46 21.77 -4.02
C LYS A 16 -16.09 21.82 -3.31
N GLN A 17 -15.23 20.88 -3.67
CA GLN A 17 -13.91 20.83 -3.08
C GLN A 17 -13.04 20.12 -4.11
N SER A 18 -11.82 20.63 -4.34
CA SER A 18 -11.02 19.97 -5.34
C SER A 18 -10.50 18.63 -4.82
N PHE A 19 -10.18 17.72 -5.74
CA PHE A 19 -9.57 16.41 -5.37
C PHE A 19 -8.15 16.45 -6.02
N LYS A 20 -7.10 16.10 -5.27
CA LYS A 20 -5.77 16.10 -5.86
C LYS A 20 -5.03 14.98 -5.11
N ASN A 21 -4.55 13.99 -5.82
CA ASN A 21 -3.87 12.92 -5.12
C ASN A 21 -2.46 13.39 -4.75
N TRP A 22 -1.82 12.60 -3.91
CA TRP A 22 -0.48 12.96 -3.38
C TRP A 22 0.55 13.19 -4.50
N ALA A 23 0.59 12.31 -5.51
CA ALA A 23 1.58 12.46 -6.57
C ALA A 23 1.32 13.69 -7.40
N GLY A 24 0.08 14.18 -7.37
CA GLY A 24 -0.27 15.40 -8.09
C GLY A 24 -0.69 15.18 -9.51
N ASP A 25 -0.84 13.93 -9.94
CA ASP A 25 -1.22 13.68 -11.34
C ASP A 25 -2.67 13.33 -11.56
N ILE A 26 -3.44 13.29 -10.47
CA ILE A 26 -4.91 13.21 -10.61
C ILE A 26 -5.42 14.47 -9.96
N LYS A 27 -5.93 15.44 -10.71
CA LYS A 27 -6.39 16.66 -10.04
C LYS A 27 -7.74 16.95 -10.69
N VAL A 28 -8.79 17.10 -9.88
CA VAL A 28 -10.11 17.39 -10.43
C VAL A 28 -10.67 18.57 -9.63
N ASP A 29 -11.20 19.59 -10.32
CA ASP A 29 -11.70 20.71 -9.56
C ASP A 29 -13.18 20.58 -9.26
N ASP A 30 -13.56 21.22 -8.17
CA ASP A 30 -14.98 21.35 -7.79
C ASP A 30 -15.75 20.06 -7.76
N VAL A 31 -15.26 19.10 -7.02
CA VAL A 31 -15.97 17.82 -6.96
C VAL A 31 -16.98 17.93 -5.84
N TRP A 32 -18.20 17.50 -6.07
CA TRP A 32 -19.20 17.60 -4.98
C TRP A 32 -18.78 16.70 -3.83
N THR A 33 -18.73 17.31 -2.64
CA THR A 33 -18.17 16.60 -1.44
C THR A 33 -19.05 16.89 -0.22
N CYS A 34 -19.08 15.93 0.70
CA CYS A 34 -19.81 16.15 1.98
C CYS A 34 -18.94 15.44 3.02
N ALA A 35 -19.22 15.74 4.29
CA ALA A 35 -18.46 15.06 5.37
C ALA A 35 -19.48 14.43 6.31
N PRO A 36 -19.89 13.18 6.04
CA PRO A 36 -20.88 12.49 6.87
C PRO A 36 -20.50 12.48 8.35
N ARG A 37 -21.47 12.81 9.18
CA ARG A 37 -21.20 12.86 10.64
C ARG A 37 -21.26 11.49 11.29
N SER A 38 -21.88 10.55 10.59
CA SER A 38 -22.15 9.22 11.11
C SER A 38 -22.29 8.18 10.04
N ALA A 39 -22.26 6.89 10.41
CA ALA A 39 -22.46 5.81 9.43
C ALA A 39 -23.87 5.94 8.81
N ASP A 40 -24.86 6.34 9.60
CA ASP A 40 -26.20 6.50 9.01
C ASP A 40 -26.22 7.56 7.92
N GLU A 41 -25.47 8.65 8.08
CA GLU A 41 -25.43 9.68 7.02
C GLU A 41 -24.79 9.11 5.77
N VAL A 42 -23.80 8.21 5.92
CA VAL A 42 -23.19 7.58 4.72
C VAL A 42 -24.27 6.83 3.95
N VAL A 43 -25.09 6.06 4.66
CA VAL A 43 -26.15 5.28 4.02
C VAL A 43 -27.20 6.22 3.37
N LYS A 44 -27.54 7.34 4.03
CA LYS A 44 -28.47 8.30 3.40
C LYS A 44 -27.94 8.79 2.04
N VAL A 45 -26.66 9.15 1.97
CA VAL A 45 -26.08 9.62 0.72
C VAL A 45 -26.11 8.50 -0.36
N ALA A 46 -25.82 7.24 0.00
CA ALA A 46 -25.85 6.16 -0.96
C ALA A 46 -27.27 5.97 -1.53
N ASN A 47 -28.27 6.08 -0.65
CA ASN A 47 -29.61 5.85 -1.15
C ASN A 47 -30.11 7.04 -1.98
N TRP A 48 -29.57 8.22 -1.75
CA TRP A 48 -29.91 9.37 -2.65
C TRP A 48 -29.17 9.16 -4.01
N ALA A 49 -27.90 8.75 -3.96
CA ALA A 49 -27.08 8.59 -5.16
C ALA A 49 -27.67 7.59 -6.13
N LYS A 50 -28.23 6.50 -5.62
CA LYS A 50 -28.75 5.47 -6.53
C LYS A 50 -29.94 6.04 -7.31
N ASP A 51 -30.63 7.03 -6.75
CA ASP A 51 -31.80 7.52 -7.54
C ASP A 51 -31.41 8.71 -8.43
N ASN A 52 -30.17 9.17 -8.34
CA ASN A 52 -29.79 10.39 -9.03
C ASN A 52 -28.62 10.25 -9.98
N GLY A 53 -28.09 9.05 -10.08
CA GLY A 53 -27.02 8.73 -11.00
C GLY A 53 -25.61 9.23 -10.65
N TYR A 54 -25.33 9.33 -9.35
CA TYR A 54 -24.01 9.75 -8.93
C TYR A 54 -23.29 8.53 -8.36
N LYS A 55 -21.97 8.43 -8.60
CA LYS A 55 -21.18 7.39 -7.92
C LYS A 55 -20.94 7.99 -6.52
N VAL A 56 -20.54 7.11 -5.58
CA VAL A 56 -20.24 7.48 -4.19
C VAL A 56 -18.87 6.91 -3.84
N ARG A 57 -17.90 7.75 -3.46
CA ARG A 57 -16.59 7.22 -3.07
C ARG A 57 -16.19 7.83 -1.74
N ALA A 58 -15.49 7.05 -0.94
CA ALA A 58 -14.91 7.65 0.26
C ALA A 58 -13.70 8.46 -0.18
N ARG A 59 -13.58 9.64 0.43
CA ARG A 59 -12.47 10.58 0.24
C ARG A 59 -11.65 10.50 1.54
N GLY A 60 -10.53 9.76 1.47
CA GLY A 60 -9.61 9.68 2.62
C GLY A 60 -8.58 10.77 2.45
N MET A 61 -7.31 10.44 2.64
CA MET A 61 -6.25 11.41 2.52
C MET A 61 -5.74 11.65 1.10
N MET A 62 -6.37 10.99 0.11
CA MET A 62 -6.03 11.17 -1.31
C MET A 62 -4.61 10.77 -1.65
N HIS A 63 -4.05 9.81 -0.88
CA HIS A 63 -2.66 9.40 -1.17
C HIS A 63 -2.54 8.42 -2.34
N ASN A 64 -3.61 7.74 -2.73
CA ASN A 64 -3.48 6.65 -3.71
C ASN A 64 -3.06 7.14 -5.10
N TRP A 65 -2.14 6.39 -5.69
CA TRP A 65 -1.71 6.73 -7.04
C TRP A 65 -2.75 6.29 -8.08
N SER A 66 -3.22 5.04 -8.01
CA SER A 66 -4.13 4.53 -9.05
C SER A 66 -5.47 5.24 -8.93
N PRO A 67 -6.13 5.45 -10.08
CA PRO A 67 -7.41 6.17 -10.05
C PRO A 67 -8.62 5.43 -9.60
N LEU A 68 -8.57 5.02 -8.34
CA LEU A 68 -9.68 4.27 -7.74
C LEU A 68 -10.78 5.17 -7.21
N THR A 69 -10.53 6.46 -7.03
CA THR A 69 -11.63 7.30 -6.55
C THR A 69 -12.41 7.84 -7.75
N LEU A 70 -11.68 8.58 -8.56
CA LEU A 70 -12.28 9.14 -9.82
C LEU A 70 -11.14 9.31 -10.80
N ALA A 71 -11.48 9.56 -12.07
CA ALA A 71 -10.43 9.70 -13.08
C ALA A 71 -9.91 11.11 -13.28
N ALA A 72 -8.67 11.22 -13.72
CA ALA A 72 -8.02 12.50 -14.00
C ALA A 72 -8.64 13.11 -15.26
N GLY A 73 -8.60 14.42 -15.34
CA GLY A 73 -9.10 15.09 -16.52
C GLY A 73 -10.60 15.16 -16.73
N VAL A 74 -11.37 14.98 -15.67
CA VAL A 74 -12.84 15.02 -15.79
C VAL A 74 -13.44 16.20 -15.00
N SER A 75 -13.52 17.36 -15.65
CA SER A 75 -13.99 18.67 -15.14
C SER A 75 -14.82 18.81 -13.84
N CYS A 76 -15.98 18.15 -13.79
CA CYS A 76 -16.87 18.10 -12.61
C CYS A 76 -17.78 16.88 -12.80
N PRO A 77 -17.25 15.73 -12.42
CA PRO A 77 -17.81 14.39 -12.47
C PRO A 77 -19.15 14.15 -11.74
N ALA A 78 -19.85 13.11 -12.22
CA ALA A 78 -21.14 12.71 -11.61
C ALA A 78 -20.75 11.77 -10.43
N VAL A 79 -20.11 12.40 -9.43
CA VAL A 79 -19.62 11.63 -8.29
C VAL A 79 -19.78 12.46 -7.05
N VAL A 80 -20.13 11.86 -5.92
CA VAL A 80 -20.18 12.63 -4.68
C VAL A 80 -19.10 11.96 -3.79
N LEU A 81 -18.23 12.74 -3.17
CA LEU A 81 -17.17 12.19 -2.32
C LEU A 81 -17.57 12.41 -0.89
N LEU A 82 -17.35 11.38 -0.07
CA LEU A 82 -17.64 11.40 1.37
C LEU A 82 -16.29 11.54 2.13
N ASP A 83 -16.05 12.71 2.68
CA ASP A 83 -14.80 12.96 3.44
C ASP A 83 -15.03 12.31 4.80
N THR A 84 -14.42 11.13 4.98
CA THR A 84 -14.60 10.38 6.21
C THR A 84 -13.64 10.85 7.31
N THR A 85 -12.73 11.77 6.97
CA THR A 85 -11.68 12.10 7.92
C THR A 85 -12.11 13.05 9.00
N ARG A 86 -13.24 13.75 8.77
CA ARG A 86 -13.66 14.77 9.72
C ARG A 86 -14.37 14.23 10.95
N TYR A 87 -15.31 13.33 10.76
CA TYR A 87 -16.10 12.82 11.88
C TYR A 87 -16.02 11.34 12.12
N LEU A 88 -15.69 10.54 11.10
CA LEU A 88 -15.71 9.08 11.31
C LEU A 88 -14.35 8.60 11.80
N THR A 89 -14.04 8.98 13.05
CA THR A 89 -12.71 8.73 13.55
C THR A 89 -12.61 8.11 14.89
N ALA A 90 -13.74 7.76 15.48
CA ALA A 90 -13.69 7.22 16.85
C ALA A 90 -13.10 5.82 16.91
N MET A 91 -12.47 5.52 18.06
CA MET A 91 -11.95 4.17 18.26
C MET A 91 -12.13 3.76 19.73
N SER A 92 -12.18 2.46 19.94
CA SER A 92 -12.28 1.89 21.28
C SER A 92 -11.54 0.58 21.31
N ILE A 93 -11.11 0.18 22.52
CA ILE A 93 -10.34 -1.08 22.59
C ILE A 93 -11.02 -2.02 23.59
N ASP A 94 -11.14 -3.29 23.18
CA ASP A 94 -11.73 -4.36 24.03
C ASP A 94 -10.61 -5.33 24.30
N ALA A 95 -10.12 -5.32 25.54
CA ALA A 95 -9.06 -6.21 25.90
C ALA A 95 -9.61 -7.31 26.81
N SER A 96 -10.89 -7.61 26.72
CA SER A 96 -11.51 -8.64 27.59
C SER A 96 -11.32 -10.09 27.14
N GLY A 97 -10.56 -10.32 26.09
CA GLY A 97 -10.37 -11.69 25.62
C GLY A 97 -8.91 -11.97 25.56
N PRO A 98 -8.51 -13.19 25.15
CA PRO A 98 -7.12 -13.61 25.04
C PRO A 98 -6.37 -12.78 24.01
N VAL A 99 -7.09 -12.12 23.09
CA VAL A 99 -6.45 -11.24 22.11
C VAL A 99 -7.25 -9.95 22.10
N ALA A 100 -6.56 -8.84 22.21
CA ALA A 100 -7.19 -7.51 22.22
C ALA A 100 -7.76 -7.16 20.87
N LYS A 101 -8.81 -6.36 20.89
CA LYS A 101 -9.50 -5.97 19.64
C LYS A 101 -9.72 -4.49 19.62
N VAL A 102 -9.46 -3.85 18.48
CA VAL A 102 -9.70 -2.42 18.42
C VAL A 102 -10.77 -2.16 17.39
N THR A 103 -11.80 -1.39 17.80
CA THR A 103 -12.82 -1.04 16.82
C THR A 103 -12.60 0.41 16.46
N ALA A 104 -12.53 0.72 15.15
CA ALA A 104 -12.31 2.10 14.74
C ALA A 104 -13.16 2.47 13.50
N GLN A 105 -13.69 3.70 13.52
CA GLN A 105 -14.40 4.23 12.36
C GLN A 105 -13.32 4.38 11.26
N ALA A 106 -13.76 4.25 10.00
CA ALA A 106 -12.84 4.13 8.87
C ALA A 106 -12.13 5.39 8.42
N GLY A 107 -12.51 6.55 8.97
CA GLY A 107 -11.80 7.77 8.60
C GLY A 107 -10.61 8.09 9.55
N ILE A 108 -10.42 7.26 10.58
CA ILE A 108 -9.27 7.53 11.48
C ILE A 108 -7.94 7.37 10.73
N THR A 109 -6.89 8.10 11.11
CA THR A 109 -5.60 7.94 10.43
C THR A 109 -4.84 6.81 11.06
N MET A 110 -3.90 6.27 10.29
CA MET A 110 -3.07 5.19 10.82
C MET A 110 -2.25 5.77 12.00
N GLU A 111 -1.76 7.01 11.91
CA GLU A 111 -1.04 7.53 13.09
C GLU A 111 -1.95 7.57 14.31
N ALA A 112 -3.20 7.98 14.14
CA ALA A 112 -4.05 8.05 15.34
C ALA A 112 -4.39 6.68 15.85
N LEU A 113 -4.58 5.76 14.93
CA LEU A 113 -4.91 4.41 15.35
C LEU A 113 -3.75 3.78 16.12
N LEU A 114 -2.55 3.89 15.57
CA LEU A 114 -1.43 3.23 16.25
C LEU A 114 -1.06 3.94 17.54
N THR A 115 -1.36 5.21 17.63
CA THR A 115 -1.05 5.95 18.88
C THR A 115 -2.04 5.49 19.96
N GLY A 116 -3.32 5.34 19.57
CA GLY A 116 -4.37 4.84 20.49
C GLY A 116 -3.98 3.44 20.97
N LEU A 117 -3.53 2.59 20.05
CA LEU A 117 -3.12 1.28 20.47
C LEU A 117 -1.94 1.36 21.44
N GLU A 118 -0.93 2.21 21.17
CA GLU A 118 0.24 2.28 22.05
C GLU A 118 -0.18 2.67 23.48
N LYS A 119 -1.13 3.57 23.58
CA LYS A 119 -1.56 4.02 24.93
C LYS A 119 -2.21 2.88 25.73
N ALA A 120 -2.69 1.85 25.05
CA ALA A 120 -3.32 0.68 25.66
C ALA A 120 -2.35 -0.49 25.78
N GLY A 121 -1.08 -0.24 25.43
CA GLY A 121 -0.05 -1.30 25.49
C GLY A 121 -0.06 -2.27 24.34
N LEU A 122 -0.56 -1.79 23.19
CA LEU A 122 -0.77 -2.66 22.00
C LEU A 122 -0.11 -2.12 20.75
N GLY A 123 0.13 -2.98 19.76
CA GLY A 123 0.75 -2.48 18.52
C GLY A 123 0.60 -3.55 17.45
N VAL A 124 1.10 -3.25 16.25
CA VAL A 124 0.96 -4.20 15.15
C VAL A 124 2.39 -4.53 14.67
N THR A 125 2.56 -5.64 13.95
CA THR A 125 3.85 -6.03 13.37
C THR A 125 4.34 -5.10 12.31
N ALA A 126 3.47 -4.70 11.42
CA ALA A 126 3.85 -3.88 10.28
C ALA A 126 2.73 -3.04 9.80
N ALA A 127 3.05 -1.95 9.08
CA ALA A 127 2.00 -1.04 8.57
C ALA A 127 2.67 -0.19 7.50
N PRO A 128 1.87 0.54 6.68
CA PRO A 128 2.48 1.41 5.68
C PRO A 128 3.40 2.44 6.42
N ALA A 129 4.37 2.94 5.66
CA ALA A 129 5.32 3.92 6.21
C ALA A 129 4.69 5.27 6.56
N PRO A 130 3.64 5.72 5.84
CA PRO A 130 3.03 7.02 6.23
C PRO A 130 2.00 6.88 7.35
N GLY A 131 1.86 7.89 8.19
CA GLY A 131 0.78 7.86 9.17
C GLY A 131 -0.47 8.57 8.68
N ASP A 132 -0.34 9.38 7.60
CA ASP A 132 -1.44 10.21 7.12
C ASP A 132 -2.29 9.51 6.03
N LEU A 133 -2.80 8.35 6.41
CA LEU A 133 -3.63 7.50 5.53
C LEU A 133 -4.85 7.09 6.39
N THR A 134 -6.01 7.01 5.77
CA THR A 134 -7.14 6.52 6.57
C THR A 134 -7.12 4.98 6.69
N LEU A 135 -7.66 4.45 7.80
CA LEU A 135 -7.78 3.02 7.92
C LEU A 135 -8.59 2.44 6.76
N GLY A 136 -9.64 3.14 6.34
CA GLY A 136 -10.47 2.64 5.22
C GLY A 136 -9.65 2.56 3.89
N GLY A 137 -8.84 3.58 3.60
CA GLY A 137 -8.00 3.52 2.42
C GLY A 137 -6.98 2.39 2.47
N VAL A 138 -6.35 2.20 3.64
CA VAL A 138 -5.33 1.16 3.82
C VAL A 138 -6.00 -0.20 3.68
N LEU A 139 -7.18 -0.40 4.28
CA LEU A 139 -7.83 -1.72 4.12
C LEU A 139 -8.27 -1.94 2.69
N ALA A 140 -8.72 -0.90 2.00
CA ALA A 140 -9.23 -1.12 0.66
C ALA A 140 -8.24 -1.76 -0.27
N ILE A 141 -6.96 -1.41 -0.09
CA ILE A 141 -5.95 -1.92 -1.00
C ILE A 141 -4.85 -2.82 -0.38
N ASN A 142 -5.20 -3.44 0.72
CA ASN A 142 -4.30 -4.34 1.45
C ASN A 142 -2.98 -3.67 1.78
N GLY A 143 -3.10 -2.47 2.38
CA GLY A 143 -1.88 -1.70 2.73
C GLY A 143 -0.98 -2.50 3.64
N HIS A 144 0.35 -2.33 3.47
CA HIS A 144 1.31 -3.16 4.20
C HIS A 144 2.61 -2.43 4.46
N GLY A 145 3.42 -3.04 5.31
CA GLY A 145 4.77 -2.53 5.60
C GLY A 145 5.72 -3.61 5.15
N THR A 146 6.66 -3.96 6.02
CA THR A 146 7.65 -5.00 5.71
C THR A 146 7.94 -5.79 6.97
N ALA A 147 7.76 -7.11 6.87
CA ALA A 147 8.06 -8.03 8.00
C ALA A 147 7.71 -9.46 7.68
N ILE A 148 8.65 -10.34 8.01
CA ILE A 148 8.42 -11.79 7.99
C ILE A 148 9.11 -12.20 9.31
N PRO A 149 8.91 -13.46 9.74
CA PRO A 149 9.59 -13.81 11.01
C PRO A 149 11.09 -13.99 10.87
N ALA A 150 11.86 -13.53 11.88
CA ALA A 150 13.30 -13.77 11.86
C ALA A 150 13.42 -15.27 12.14
N LYS A 151 14.61 -15.82 11.87
CA LYS A 151 14.79 -17.24 12.20
C LYS A 151 14.63 -17.37 13.73
N GLY A 152 13.85 -18.35 14.15
CA GLY A 152 13.59 -18.57 15.56
C GLY A 152 12.50 -17.70 16.18
N GLU A 153 11.93 -16.76 15.44
CA GLU A 153 10.89 -15.90 15.99
C GLU A 153 9.52 -16.61 16.01
N ARG A 154 8.76 -16.45 17.08
CA ARG A 154 7.40 -17.00 17.19
C ARG A 154 6.42 -15.82 17.02
N ARG A 155 5.34 -16.06 16.28
CA ARG A 155 4.34 -15.03 16.07
C ARG A 155 3.53 -14.78 17.34
N LEU A 156 3.26 -13.52 17.67
CA LEU A 156 2.47 -13.20 18.83
C LEU A 156 0.98 -13.38 18.53
N ALA A 157 0.21 -13.95 19.46
CA ALA A 157 -1.21 -14.06 19.22
C ALA A 157 -1.75 -12.65 18.95
N GLY A 158 -2.57 -12.53 17.90
CA GLY A 158 -3.13 -11.25 17.55
C GLY A 158 -2.28 -10.41 16.58
N ALA A 159 -1.10 -10.91 16.22
CA ALA A 159 -0.27 -10.24 15.23
C ALA A 159 -0.26 -11.06 13.95
N SER A 160 0.11 -10.38 12.86
CA SER A 160 0.25 -11.09 11.58
C SER A 160 1.37 -10.47 10.77
N TYR A 161 1.93 -11.26 9.85
CA TYR A 161 2.96 -10.77 8.93
C TYR A 161 2.34 -10.34 7.59
N GLY A 162 1.01 -10.35 7.49
CA GLY A 162 0.35 -9.91 6.25
C GLY A 162 0.04 -8.41 6.26
N SER A 163 -0.90 -8.03 5.39
CA SER A 163 -1.31 -6.64 5.26
C SER A 163 -2.27 -6.26 6.39
N ILE A 164 -2.60 -4.97 6.48
CA ILE A 164 -3.54 -4.56 7.51
C ILE A 164 -4.91 -5.25 7.31
N SER A 165 -5.26 -5.56 6.08
CA SER A 165 -6.52 -6.29 5.81
C SER A 165 -6.58 -7.63 6.51
N ASN A 166 -5.41 -8.27 6.70
CA ASN A 166 -5.44 -9.57 7.37
C ASN A 166 -5.75 -9.46 8.88
N LEU A 167 -5.76 -8.24 9.44
CA LEU A 167 -5.99 -8.10 10.90
C LEU A 167 -7.48 -7.99 11.21
N VAL A 168 -8.28 -7.89 10.13
CA VAL A 168 -9.71 -7.71 10.38
C VAL A 168 -10.44 -8.90 11.03
N LEU A 169 -11.19 -8.60 12.09
CA LEU A 169 -12.02 -9.61 12.75
C LEU A 169 -13.50 -9.35 12.41
N SER A 170 -13.85 -8.10 12.07
CA SER A 170 -15.24 -7.74 11.74
C SER A 170 -15.24 -6.44 10.97
N LEU A 171 -16.20 -6.26 10.05
CA LEU A 171 -16.27 -4.91 9.49
C LEU A 171 -17.71 -4.57 9.14
N THR A 172 -18.02 -3.27 9.04
CA THR A 172 -19.41 -2.88 8.70
C THR A 172 -19.32 -2.11 7.40
N ALA A 173 -20.04 -2.59 6.39
CA ALA A 173 -20.00 -2.03 4.99
C ALA A 173 -21.41 -1.54 4.62
N VAL A 174 -21.46 -0.71 3.57
CA VAL A 174 -22.72 -0.20 3.03
C VAL A 174 -23.07 -1.21 1.89
N VAL A 175 -24.12 -1.98 2.12
CA VAL A 175 -24.46 -3.07 1.21
C VAL A 175 -25.93 -3.03 0.86
N TYR A 176 -26.28 -3.36 -0.38
CA TYR A 176 -27.68 -3.37 -0.78
C TYR A 176 -28.46 -4.49 -0.05
N ASP A 177 -29.61 -4.10 0.52
CA ASP A 177 -30.47 -5.08 1.20
C ASP A 177 -31.63 -5.36 0.17
N LYS A 178 -31.59 -6.51 -0.49
CA LYS A 178 -32.60 -6.86 -1.50
C LYS A 178 -34.00 -6.85 -0.96
N ALA A 179 -34.20 -7.14 0.33
CA ALA A 179 -35.56 -7.19 0.84
C ALA A 179 -36.18 -5.82 0.94
N SER A 180 -35.39 -4.82 1.30
CA SER A 180 -35.91 -3.46 1.43
C SER A 180 -35.69 -2.55 0.21
N GLY A 181 -34.93 -3.03 -0.80
CA GLY A 181 -34.67 -2.22 -1.97
C GLY A 181 -33.78 -1.01 -1.65
N ALA A 182 -32.96 -1.07 -0.59
CA ALA A 182 -32.14 0.11 -0.26
C ALA A 182 -30.79 -0.34 0.30
N TYR A 183 -29.82 0.57 0.22
CA TYR A 183 -28.51 0.27 0.81
C TYR A 183 -28.69 0.43 2.32
N ALA A 184 -27.91 -0.37 3.08
CA ALA A 184 -28.01 -0.33 4.53
C ALA A 184 -26.66 -0.77 5.10
N LEU A 185 -26.48 -0.48 6.37
CA LEU A 185 -25.28 -0.97 7.05
C LEU A 185 -25.36 -2.49 7.26
N ARG A 186 -24.26 -3.20 7.01
CA ARG A 186 -24.23 -4.61 7.25
C ARG A 186 -22.90 -4.98 7.86
N LYS A 187 -22.96 -5.74 8.95
CA LYS A 187 -21.75 -6.15 9.67
C LYS A 187 -21.41 -7.57 9.28
N PHE A 188 -20.12 -7.82 9.05
CA PHE A 188 -19.69 -9.16 8.68
C PHE A 188 -18.56 -9.63 9.59
N ALA A 189 -18.59 -10.90 10.00
CA ALA A 189 -17.52 -11.50 10.83
C ALA A 189 -16.44 -12.07 9.90
N ARG A 190 -15.19 -12.16 10.38
CA ARG A 190 -14.10 -12.60 9.51
C ARG A 190 -14.16 -14.06 9.07
N ASN A 191 -14.99 -14.84 9.80
CA ASN A 191 -15.19 -16.23 9.42
C ASN A 191 -16.46 -16.44 8.59
N ASP A 192 -17.05 -15.33 8.10
CA ASP A 192 -18.22 -15.40 7.18
C ASP A 192 -17.62 -15.29 5.74
N PRO A 193 -17.74 -16.28 4.88
CA PRO A 193 -17.18 -16.18 3.53
C PRO A 193 -17.65 -14.95 2.79
N GLN A 194 -18.81 -14.41 3.18
CA GLN A 194 -19.30 -13.25 2.45
C GLN A 194 -18.44 -12.00 2.68
N ILE A 195 -17.63 -12.01 3.74
CA ILE A 195 -16.75 -10.86 3.97
C ILE A 195 -15.59 -10.83 3.00
N ALA A 196 -15.27 -11.97 2.38
CA ALA A 196 -14.01 -11.99 1.59
C ALA A 196 -13.72 -10.88 0.59
N PRO A 197 -14.71 -10.45 -0.18
CA PRO A 197 -14.42 -9.39 -1.16
C PRO A 197 -14.27 -8.04 -0.47
N LEU A 198 -14.80 -7.89 0.75
CA LEU A 198 -14.77 -6.61 1.45
C LEU A 198 -13.47 -6.36 2.26
N LEU A 199 -12.69 -7.42 2.49
CA LEU A 199 -11.43 -7.29 3.28
C LEU A 199 -10.43 -6.36 2.56
N ALA A 200 -10.45 -6.44 1.20
CA ALA A 200 -9.68 -5.52 0.34
C ALA A 200 -10.50 -5.44 -0.94
N HIS A 201 -11.40 -4.46 -0.94
CA HIS A 201 -12.35 -4.36 -2.07
C HIS A 201 -11.93 -3.45 -3.19
N VAL A 202 -10.73 -2.88 -3.12
CA VAL A 202 -10.18 -2.05 -4.21
C VAL A 202 -11.00 -0.89 -4.56
N GLY A 203 -11.86 -0.44 -3.65
CA GLY A 203 -12.71 0.71 -3.94
C GLY A 203 -14.12 0.34 -4.33
N ARG A 204 -14.42 -0.95 -4.40
CA ARG A 204 -15.77 -1.40 -4.80
C ARG A 204 -16.77 -1.43 -3.65
N SER A 205 -16.40 -0.92 -2.48
CA SER A 205 -17.39 -0.89 -1.38
C SER A 205 -17.15 0.38 -0.51
N LEU A 206 -17.88 0.53 0.57
CA LEU A 206 -17.72 1.65 1.46
C LEU A 206 -17.80 1.03 2.86
N ILE A 207 -16.67 1.16 3.60
CA ILE A 207 -16.58 0.59 4.96
C ILE A 207 -16.67 1.72 5.94
N VAL A 208 -17.58 1.60 6.91
CA VAL A 208 -17.69 2.69 7.89
C VAL A 208 -16.96 2.40 9.19
N GLU A 209 -16.67 1.13 9.45
CA GLU A 209 -16.01 0.83 10.75
C GLU A 209 -15.43 -0.60 10.60
N ALA A 210 -14.33 -0.87 11.29
CA ALA A 210 -13.73 -2.18 11.30
C ALA A 210 -13.18 -2.50 12.70
N THR A 211 -13.13 -3.77 13.01
CA THR A 211 -12.56 -4.24 14.29
C THR A 211 -11.36 -5.07 13.88
N LEU A 212 -10.19 -4.69 14.39
CA LEU A 212 -8.96 -5.41 14.12
C LEU A 212 -8.33 -6.07 15.36
N GLN A 213 -7.60 -7.15 15.14
CA GLN A 213 -6.84 -7.75 16.27
C GLN A 213 -5.58 -6.88 16.46
N ALA A 214 -5.15 -6.84 17.71
CA ALA A 214 -3.91 -6.09 18.06
C ALA A 214 -3.21 -6.93 19.09
N ALA A 215 -1.89 -6.93 18.99
CA ALA A 215 -1.06 -7.71 19.90
C ALA A 215 -0.34 -6.83 20.89
N PRO A 216 0.30 -7.42 21.92
CA PRO A 216 1.02 -6.57 22.87
C PRO A 216 2.10 -5.81 22.10
N ASN A 217 2.28 -4.54 22.47
CA ASN A 217 3.22 -3.67 21.70
C ASN A 217 4.66 -4.10 21.94
N GLN A 218 5.45 -3.99 20.88
CA GLN A 218 6.88 -4.35 20.91
C GLN A 218 7.77 -3.12 20.92
N ARG A 219 8.93 -3.30 21.53
CA ARG A 219 9.99 -2.29 21.38
C ARG A 219 10.80 -2.71 20.13
N LEU A 220 11.09 -1.75 19.23
CA LEU A 220 11.88 -2.04 18.05
C LEU A 220 13.11 -1.17 18.02
N ARG A 221 14.17 -1.76 17.47
CA ARG A 221 15.37 -0.99 17.13
C ARG A 221 15.26 -0.80 15.60
N CYS A 222 15.68 0.36 15.04
CA CYS A 222 15.64 0.48 13.56
C CYS A 222 17.05 1.00 13.19
N GLN A 223 17.81 0.14 12.55
CA GLN A 223 19.15 0.46 12.12
C GLN A 223 19.22 0.72 10.64
N SER A 224 19.87 1.84 10.29
CA SER A 224 20.11 2.14 8.88
C SER A 224 21.58 1.97 8.52
N TRP A 225 21.80 1.41 7.34
CA TRP A 225 23.14 1.16 6.80
C TRP A 225 23.24 1.73 5.39
N PHE A 226 24.39 2.32 5.05
CA PHE A 226 24.61 2.87 3.70
C PHE A 226 26.00 2.46 3.26
N ASN A 227 26.55 1.43 3.91
CA ASN A 227 27.92 1.01 3.58
C ASN A 227 27.99 -0.35 2.88
N ILE A 228 26.85 -0.78 2.30
CA ILE A 228 26.82 -2.09 1.62
C ILE A 228 26.55 -1.90 0.13
N PRO A 229 27.49 -2.29 -0.72
CA PRO A 229 27.29 -2.12 -2.17
C PRO A 229 26.09 -2.98 -2.65
N TYR A 230 25.35 -2.46 -3.63
CA TYR A 230 24.18 -3.20 -4.14
C TYR A 230 24.58 -4.56 -4.70
N GLY A 231 25.79 -4.68 -5.25
CA GLY A 231 26.19 -5.99 -5.77
C GLY A 231 26.30 -7.07 -4.71
N GLU A 232 26.53 -6.67 -3.46
CA GLU A 232 26.61 -7.58 -2.33
C GLU A 232 25.19 -7.77 -1.76
N MET A 233 24.51 -6.65 -1.50
CA MET A 233 23.16 -6.70 -0.92
C MET A 233 22.24 -7.53 -1.80
N PHE A 234 22.37 -7.35 -3.13
CA PHE A 234 21.48 -8.02 -4.03
C PHE A 234 22.20 -9.10 -4.86
N ALA A 235 23.16 -9.75 -4.20
CA ALA A 235 23.93 -10.81 -4.86
C ALA A 235 23.05 -12.03 -5.15
N ALA A 236 23.56 -12.90 -6.01
CA ALA A 236 22.80 -14.10 -6.33
C ALA A 236 22.64 -15.02 -5.12
N ALA A 237 21.58 -15.82 -5.14
CA ALA A 237 21.40 -16.73 -4.06
C ALA A 237 22.68 -17.56 -4.17
N GLY A 238 23.25 -17.94 -3.06
CA GLY A 238 24.50 -18.66 -3.19
C GLY A 238 25.37 -17.95 -2.21
N SER A 239 24.71 -16.95 -1.63
CA SER A 239 25.13 -16.12 -0.52
C SER A 239 26.52 -15.55 -0.35
N GLY A 240 26.84 -15.35 0.92
CA GLY A 240 28.09 -14.79 1.31
C GLY A 240 27.82 -13.32 1.51
N GLY A 241 28.31 -12.77 2.61
CA GLY A 241 28.19 -11.34 2.83
C GLY A 241 26.87 -10.81 3.34
N ARG A 242 26.74 -9.49 3.23
CA ARG A 242 25.59 -8.78 3.75
C ARG A 242 24.42 -8.77 2.76
N THR A 243 23.90 -9.96 2.46
CA THR A 243 22.79 -9.98 1.54
C THR A 243 21.51 -9.51 2.24
N PHE A 244 20.57 -9.01 1.44
CA PHE A 244 19.26 -8.61 1.96
C PHE A 244 18.67 -9.80 2.75
N ALA A 245 18.72 -11.03 2.19
CA ALA A 245 18.18 -12.17 2.92
C ALA A 245 18.84 -12.46 4.25
N SER A 246 20.13 -12.13 4.42
CA SER A 246 20.75 -12.41 5.72
C SER A 246 20.07 -11.59 6.85
N TYR A 247 19.60 -10.38 6.51
CA TYR A 247 18.91 -9.56 7.50
C TYR A 247 17.48 -10.06 7.74
N LEU A 248 16.84 -10.63 6.71
CA LEU A 248 15.51 -11.21 6.95
C LEU A 248 15.69 -12.34 7.99
N ASP A 249 16.79 -13.05 7.90
CA ASP A 249 16.97 -14.13 8.89
C ASP A 249 17.28 -13.61 10.27
N SER A 250 18.04 -12.54 10.36
CA SER A 250 18.38 -12.10 11.69
C SER A 250 17.32 -11.21 12.34
N ALA A 251 16.60 -10.45 11.52
CA ALA A 251 15.66 -9.48 12.06
C ALA A 251 14.22 -9.64 11.54
N GLY A 252 14.11 -10.12 10.30
CA GLY A 252 12.80 -10.33 9.66
C GLY A 252 12.16 -9.12 9.00
N ARG A 253 12.59 -7.92 9.43
CA ARG A 253 11.97 -6.66 8.95
C ARG A 253 13.01 -5.81 8.24
N VAL A 254 12.91 -5.76 6.93
CA VAL A 254 13.94 -5.12 6.10
C VAL A 254 13.37 -4.35 4.93
N GLU A 255 13.97 -3.19 4.65
CA GLU A 255 13.59 -2.39 3.48
C GLU A 255 14.87 -1.83 2.85
N ALA A 256 14.97 -1.92 1.54
CA ALA A 256 16.11 -1.26 0.89
C ALA A 256 15.56 -0.17 -0.02
N ILE A 257 16.21 0.98 -0.04
CA ILE A 257 15.80 2.08 -0.93
C ILE A 257 17.09 2.38 -1.67
N TRP A 258 17.10 2.12 -2.98
CA TRP A 258 18.33 2.19 -3.81
C TRP A 258 18.22 3.32 -4.83
N PHE A 259 18.91 4.41 -4.52
CA PHE A 259 18.83 5.61 -5.39
C PHE A 259 19.43 5.35 -6.77
N PRO A 260 18.89 6.03 -7.78
CA PRO A 260 19.39 5.77 -9.13
C PRO A 260 20.82 6.18 -9.37
N PHE A 261 21.53 5.35 -10.13
CA PHE A 261 22.91 5.60 -10.49
C PHE A 261 23.82 5.73 -9.26
N THR A 262 23.51 4.98 -8.19
CA THR A 262 24.33 5.01 -6.96
C THR A 262 24.71 3.60 -6.63
N SER A 263 25.74 3.48 -5.78
CA SER A 263 26.25 2.14 -5.43
C SER A 263 25.67 1.47 -4.22
N ASN A 264 25.37 2.28 -3.19
CA ASN A 264 24.97 1.72 -1.91
C ASN A 264 23.54 2.09 -1.49
N PRO A 265 22.66 1.10 -1.40
CA PRO A 265 21.28 1.40 -0.99
C PRO A 265 21.19 1.86 0.47
N TRP A 266 20.11 2.55 0.81
CA TRP A 266 19.85 2.89 2.20
C TRP A 266 19.11 1.64 2.68
N LEU A 267 19.71 0.84 3.56
CA LEU A 267 19.05 -0.34 4.12
C LEU A 267 18.51 0.00 5.50
N LYS A 268 17.25 -0.38 5.81
CA LYS A 268 16.69 -0.21 7.15
C LYS A 268 16.38 -1.64 7.63
N VAL A 269 16.79 -1.92 8.86
CA VAL A 269 16.57 -3.23 9.46
C VAL A 269 15.92 -2.96 10.82
N TRP A 270 14.72 -3.50 11.05
CA TRP A 270 14.05 -3.36 12.36
C TRP A 270 14.18 -4.67 13.12
N THR A 271 14.61 -4.57 14.37
CA THR A 271 14.78 -5.76 15.17
C THR A 271 13.99 -5.63 16.48
N VAL A 272 13.21 -6.65 16.84
CA VAL A 272 12.48 -6.66 18.12
C VAL A 272 13.58 -6.70 19.20
N THR A 273 13.62 -5.69 20.05
CA THR A 273 14.78 -5.50 20.98
C THR A 273 14.19 -4.98 22.28
N PRO A 274 13.97 -5.87 23.27
CA PRO A 274 13.36 -5.48 24.53
C PRO A 274 13.98 -4.32 25.28
N ASN A 275 15.33 -4.24 25.32
CA ASN A 275 15.96 -3.13 26.06
C ASN A 275 16.81 -2.33 25.06
N LYS A 276 16.88 -1.03 25.31
CA LYS A 276 17.66 -0.21 24.37
C LYS A 276 19.14 -0.56 24.33
N PRO A 277 19.70 -0.79 23.14
CA PRO A 277 21.13 -1.07 23.03
C PRO A 277 21.89 0.19 23.57
N LEU A 278 23.09 -0.01 24.09
CA LEU A 278 23.82 1.12 24.71
C LEU A 278 23.94 2.44 23.91
N PHE A 279 24.23 2.33 22.63
CA PHE A 279 24.40 3.55 21.84
C PHE A 279 23.23 3.92 20.92
N SER A 280 22.15 3.16 21.01
CA SER A 280 20.99 3.49 20.18
C SER A 280 20.32 4.75 20.76
N ARG A 281 19.71 5.56 19.90
CA ARG A 281 19.03 6.73 20.38
C ARG A 281 17.55 6.44 20.57
N GLN A 282 17.05 6.62 21.79
CA GLN A 282 15.63 6.38 22.03
C GLN A 282 14.80 7.51 21.39
N THR A 283 13.69 7.15 20.74
CA THR A 283 12.81 8.17 20.22
C THR A 283 11.39 7.84 20.70
N ASP A 284 10.62 8.88 21.06
CA ASP A 284 9.24 8.70 21.52
C ASP A 284 8.27 9.33 20.52
N LYS A 285 8.77 9.54 19.29
CA LYS A 285 7.86 10.09 18.25
C LYS A 285 8.13 9.40 16.90
N PRO A 286 7.17 9.48 15.97
CA PRO A 286 7.36 8.89 14.65
C PRO A 286 8.09 9.91 13.73
N PHE A 287 8.38 9.48 12.49
CA PHE A 287 9.01 10.33 11.47
C PHE A 287 10.36 10.88 11.93
N ASN A 288 11.29 9.96 12.10
CA ASN A 288 12.65 10.30 12.58
C ASN A 288 13.67 10.58 11.52
N TYR A 289 13.25 10.77 10.25
CA TYR A 289 14.23 11.10 9.17
C TYR A 289 13.81 12.44 8.57
N PRO A 290 14.03 13.53 9.33
CA PRO A 290 13.61 14.83 8.78
C PRO A 290 14.31 15.28 7.51
N PHE A 291 15.52 14.82 7.27
CA PHE A 291 16.21 15.21 6.07
C PHE A 291 15.69 14.51 4.82
N SER A 292 14.92 13.44 5.03
CA SER A 292 14.21 12.77 3.96
C SER A 292 12.82 13.41 3.80
N ASP A 293 12.19 13.86 4.90
CA ASP A 293 10.84 14.51 4.84
C ASP A 293 10.86 15.91 4.36
N ASN A 294 11.99 16.60 4.52
CA ASN A 294 12.14 18.02 4.16
C ASN A 294 13.31 18.07 3.20
N LEU A 295 12.97 18.15 1.93
CA LEU A 295 13.93 18.11 0.85
C LEU A 295 14.87 19.31 0.81
N PRO A 296 16.17 19.06 0.61
CA PRO A 296 17.15 20.18 0.56
C PRO A 296 17.08 20.80 -0.84
N ASP A 297 17.53 22.03 -0.92
CA ASP A 297 17.43 22.75 -2.18
C ASP A 297 18.16 22.01 -3.29
N GLU A 298 19.30 21.37 -3.00
CA GLU A 298 20.06 20.71 -4.12
C GLU A 298 19.14 19.69 -4.88
N VAL A 299 18.39 18.93 -4.07
CA VAL A 299 17.49 17.91 -4.62
C VAL A 299 16.30 18.51 -5.36
N THR A 300 15.64 19.49 -4.74
CA THR A 300 14.50 20.04 -5.43
C THR A 300 14.92 20.81 -6.68
N ASP A 301 16.10 21.46 -6.65
CA ASP A 301 16.56 22.16 -7.83
C ASP A 301 16.85 21.18 -8.99
N LEU A 302 17.50 20.04 -8.68
CA LEU A 302 17.80 19.06 -9.73
C LEU A 302 16.48 18.45 -10.29
N ALA A 303 15.52 18.19 -9.41
CA ALA A 303 14.24 17.63 -9.87
C ALA A 303 13.60 18.56 -10.85
N ASN A 304 13.60 19.86 -10.53
CA ASN A 304 12.99 20.82 -11.43
C ASN A 304 13.76 20.92 -12.73
N LYS A 305 15.07 20.92 -12.69
CA LYS A 305 15.80 20.95 -13.95
C LYS A 305 15.48 19.73 -14.83
N ILE A 306 15.46 18.55 -14.23
CA ILE A 306 15.20 17.37 -15.00
C ILE A 306 13.80 17.38 -15.59
N LEU A 307 12.79 17.63 -14.78
CA LEU A 307 11.44 17.46 -15.28
C LEU A 307 11.00 18.64 -16.07
N SER A 308 11.07 19.80 -15.44
CA SER A 308 10.61 21.00 -16.11
C SER A 308 11.54 21.51 -17.22
N LEU A 309 12.85 21.42 -17.08
CA LEU A 309 13.73 21.90 -18.14
C LEU A 309 14.20 20.81 -19.10
N GLY A 310 13.75 19.58 -18.86
CA GLY A 310 14.16 18.46 -19.73
C GLY A 310 15.63 18.07 -19.70
N ASP A 311 16.32 18.41 -18.62
CA ASP A 311 17.73 18.10 -18.59
C ASP A 311 17.94 16.69 -18.02
N GLY A 312 17.53 15.69 -18.76
CA GLY A 312 17.67 14.34 -18.24
C GLY A 312 19.04 13.82 -17.92
N LYS A 313 20.08 14.36 -18.58
CA LYS A 313 21.45 13.89 -18.32
C LYS A 313 21.92 14.24 -16.91
N LEU A 314 21.12 15.00 -16.15
CA LEU A 314 21.43 15.34 -14.73
C LEU A 314 20.87 14.26 -13.79
N THR A 315 20.23 13.24 -14.36
CA THR A 315 19.68 12.18 -13.49
C THR A 315 20.68 11.46 -12.59
N PRO A 316 21.86 11.06 -13.09
CA PRO A 316 22.84 10.40 -12.21
C PRO A 316 23.19 11.37 -11.05
N ALA A 317 23.42 12.63 -11.36
CA ALA A 317 23.72 13.63 -10.28
C ALA A 317 22.57 13.76 -9.24
N PHE A 318 21.33 13.65 -9.76
CA PHE A 318 20.14 13.69 -8.93
C PHE A 318 20.10 12.45 -8.02
N GLY A 319 20.35 11.25 -8.57
CA GLY A 319 20.39 10.10 -7.66
C GLY A 319 21.47 10.27 -6.58
N LYS A 320 22.63 10.84 -6.97
CA LYS A 320 23.69 11.02 -5.96
C LYS A 320 23.26 12.02 -4.89
N ALA A 321 22.54 13.08 -5.28
CA ALA A 321 22.03 14.08 -4.34
C ALA A 321 21.02 13.46 -3.37
N GLN A 322 20.19 12.57 -3.90
CA GLN A 322 19.20 11.90 -3.03
C GLN A 322 19.91 10.99 -2.00
N PHE A 323 20.92 10.29 -2.46
CA PHE A 323 21.65 9.39 -1.54
C PHE A 323 22.39 10.27 -0.52
N ALA A 324 22.96 11.39 -0.98
CA ALA A 324 23.61 12.26 -0.01
C ALA A 324 22.66 12.79 1.08
N ALA A 325 21.44 13.20 0.68
CA ALA A 325 20.44 13.67 1.61
C ALA A 325 20.10 12.60 2.63
N ALA A 326 19.96 11.36 2.17
CA ALA A 326 19.65 10.29 3.12
C ALA A 326 20.84 9.92 4.03
N SER A 327 22.00 9.70 3.44
CA SER A 327 23.12 9.22 4.25
C SER A 327 23.68 10.31 5.18
N ALA A 328 23.98 11.47 4.61
CA ALA A 328 24.49 12.53 5.48
C ALA A 328 23.40 13.08 6.39
N GLY A 329 22.12 12.95 5.96
CA GLY A 329 21.06 13.39 6.84
C GLY A 329 20.90 12.49 8.09
N LEU A 330 21.04 11.17 7.85
CA LEU A 330 20.96 10.22 8.96
C LEU A 330 22.12 10.46 9.94
N VAL A 331 23.28 10.76 9.42
CA VAL A 331 24.43 11.02 10.27
C VAL A 331 24.18 12.32 11.05
N ALA A 332 23.76 13.39 10.35
CA ALA A 332 23.52 14.65 11.08
C ALA A 332 22.51 14.60 12.17
N THR A 333 21.45 13.82 11.98
CA THR A 333 20.38 13.76 13.01
C THR A 333 20.55 12.60 13.99
N ALA A 334 21.70 11.91 13.92
CA ALA A 334 21.96 10.81 14.84
C ALA A 334 20.80 9.82 14.75
N SER A 335 20.40 9.48 13.50
CA SER A 335 19.24 8.59 13.28
C SER A 335 19.55 7.22 12.67
N TRP A 336 20.82 6.84 12.57
CA TRP A 336 21.15 5.51 12.01
C TRP A 336 20.87 4.37 12.98
N ASP A 337 20.65 4.66 14.28
CA ASP A 337 20.37 3.52 15.22
C ASP A 337 19.36 4.04 16.22
N LEU A 338 18.05 3.78 15.95
CA LEU A 338 16.98 4.31 16.76
C LEU A 338 16.30 3.17 17.52
N TRP A 339 15.58 3.54 18.57
CA TRP A 339 14.88 2.52 19.38
C TRP A 339 13.67 3.11 20.08
N GLY A 340 12.57 2.32 20.18
CA GLY A 340 11.43 2.87 20.89
C GLY A 340 10.20 1.98 20.64
N TRP A 341 9.04 2.44 21.13
CA TRP A 341 7.80 1.67 20.85
C TRP A 341 7.61 1.56 19.34
N SER A 342 6.98 0.45 18.90
CA SER A 342 6.91 0.18 17.48
C SER A 342 6.43 1.29 16.55
N LYS A 343 5.34 1.99 16.90
CA LYS A 343 4.82 2.95 15.90
C LYS A 343 5.82 4.06 15.59
N ASN A 344 6.72 4.37 16.53
CA ASN A 344 7.67 5.46 16.27
C ASN A 344 8.64 5.10 15.20
N LEU A 345 8.88 3.80 15.00
CA LEU A 345 9.82 3.36 13.95
C LEU A 345 9.10 2.81 12.69
N LEU A 346 7.81 2.42 12.82
CA LEU A 346 7.09 1.91 11.64
C LEU A 346 6.63 3.08 10.80
N LEU A 347 6.42 4.23 11.45
CA LEU A 347 5.94 5.39 10.67
C LEU A 347 7.14 6.28 10.38
N TYR A 348 7.44 6.45 9.06
CA TYR A 348 8.68 7.19 8.75
C TYR A 348 8.67 8.02 7.48
N VAL A 349 7.51 8.15 6.85
CA VAL A 349 7.41 8.98 5.63
C VAL A 349 6.32 10.04 5.79
N LYS A 350 6.71 11.33 5.72
CA LYS A 350 5.75 12.44 5.76
C LYS A 350 5.39 12.78 4.31
N PRO A 351 4.28 13.47 4.11
CA PRO A 351 3.88 13.76 2.73
C PRO A 351 4.67 14.85 2.05
N THR A 352 5.54 15.53 2.81
CA THR A 352 6.40 16.56 2.21
C THR A 352 7.60 15.99 1.44
N THR A 353 7.71 14.67 1.41
CA THR A 353 8.80 14.03 0.68
C THR A 353 8.63 14.27 -0.81
N LEU A 354 9.64 13.87 -1.57
CA LEU A 354 9.65 14.06 -3.04
C LEU A 354 8.38 13.43 -3.71
N ARG A 355 7.62 14.17 -4.51
CA ARG A 355 6.39 13.64 -5.11
C ARG A 355 6.80 12.81 -6.27
N VAL A 356 6.38 11.55 -6.28
CA VAL A 356 6.81 10.64 -7.32
C VAL A 356 5.66 9.69 -7.72
N THR A 357 5.77 9.15 -8.93
CA THR A 357 4.84 8.05 -9.23
C THR A 357 5.65 6.75 -8.97
N ALA A 358 4.98 5.59 -8.98
CA ALA A 358 5.64 4.32 -8.73
C ALA A 358 4.83 3.20 -9.33
N ASN A 359 5.53 2.16 -9.76
CA ASN A 359 4.82 0.93 -10.15
C ASN A 359 4.87 0.07 -8.84
N GLY A 360 4.28 -1.12 -8.87
CA GLY A 360 4.38 -1.95 -7.69
C GLY A 360 3.83 -3.31 -7.96
N TYR A 361 4.53 -4.32 -7.41
CA TYR A 361 4.13 -5.72 -7.55
C TYR A 361 4.46 -6.53 -6.35
N ALA A 362 3.60 -7.51 -6.07
CA ALA A 362 3.92 -8.47 -4.98
C ALA A 362 4.29 -9.79 -5.74
N VAL A 363 5.43 -10.34 -5.39
CA VAL A 363 5.89 -11.59 -6.01
C VAL A 363 5.83 -12.66 -4.92
N LEU A 364 4.83 -13.57 -5.07
CA LEU A 364 4.71 -14.67 -4.12
C LEU A 364 5.68 -15.76 -4.39
N THR A 365 6.33 -16.27 -3.33
CA THR A 365 7.32 -17.34 -3.57
C THR A 365 7.71 -17.97 -2.23
N ARG A 366 8.52 -19.03 -2.27
CA ARG A 366 9.02 -19.63 -1.07
C ARG A 366 10.04 -18.63 -0.40
N ARG A 367 10.03 -18.58 0.93
CA ARG A 367 10.96 -17.73 1.68
C ARG A 367 12.43 -17.90 1.19
N GLU A 368 12.84 -19.16 0.97
CA GLU A 368 14.26 -19.40 0.57
C GLU A 368 14.59 -18.75 -0.79
N ASN A 369 13.58 -18.41 -1.59
CA ASN A 369 13.83 -17.80 -2.88
C ASN A 369 13.89 -16.26 -2.90
N VAL A 370 13.81 -15.59 -1.74
CA VAL A 370 13.80 -14.12 -1.79
C VAL A 370 15.07 -13.57 -2.45
N GLN A 371 16.23 -14.04 -2.00
CA GLN A 371 17.42 -13.50 -2.63
C GLN A 371 17.44 -13.66 -4.18
N ARG A 372 17.06 -14.83 -4.67
CA ARG A 372 16.98 -15.05 -6.12
C ARG A 372 16.06 -14.00 -6.81
N VAL A 373 14.90 -13.79 -6.20
CA VAL A 373 13.97 -12.87 -6.75
C VAL A 373 14.62 -11.46 -6.86
N LEU A 374 15.26 -11.05 -5.76
CA LEU A 374 15.87 -9.70 -5.74
C LEU A 374 16.99 -9.58 -6.75
N ASN A 375 17.84 -10.58 -6.79
CA ASN A 375 18.99 -10.57 -7.69
C ASN A 375 18.50 -10.59 -9.13
N GLU A 376 17.47 -11.37 -9.42
CA GLU A 376 16.94 -11.39 -10.81
C GLU A 376 16.36 -10.05 -11.24
N PHE A 377 15.58 -9.41 -10.33
CA PHE A 377 14.97 -8.13 -10.65
C PHE A 377 16.08 -7.07 -10.83
N VAL A 378 17.01 -7.00 -9.92
CA VAL A 378 18.08 -6.01 -9.97
C VAL A 378 18.92 -6.20 -11.26
N THR A 379 19.17 -7.47 -11.62
CA THR A 379 19.99 -7.70 -12.80
C THR A 379 19.25 -7.20 -14.03
N PHE A 380 17.96 -7.50 -14.15
CA PHE A 380 17.22 -7.04 -15.34
C PHE A 380 17.10 -5.48 -15.33
N TYR A 381 16.73 -4.94 -14.19
CA TYR A 381 16.56 -3.48 -14.11
C TYR A 381 17.87 -2.75 -14.51
N GLN A 382 19.00 -3.18 -13.96
CA GLN A 382 20.27 -2.50 -14.30
C GLN A 382 20.55 -2.56 -15.79
N ALA A 383 20.32 -3.73 -16.37
CA ALA A 383 20.62 -3.84 -17.79
C ALA A 383 19.64 -2.96 -18.60
N ARG A 384 18.36 -2.84 -18.20
CA ARG A 384 17.45 -1.98 -18.94
C ARG A 384 17.77 -0.51 -18.75
N VAL A 385 18.12 -0.12 -17.51
CA VAL A 385 18.49 1.26 -17.31
C VAL A 385 19.65 1.61 -18.21
N GLN A 386 20.61 0.71 -18.31
CA GLN A 386 21.79 0.98 -19.15
C GLN A 386 21.39 1.09 -20.62
N ALA A 387 20.45 0.25 -21.07
CA ALA A 387 20.04 0.29 -22.45
C ALA A 387 19.39 1.62 -22.74
N TYR A 388 18.57 2.12 -21.79
CA TYR A 388 17.99 3.40 -22.01
C TYR A 388 19.02 4.52 -21.93
N GLN A 389 20.00 4.45 -21.03
CA GLN A 389 20.99 5.50 -20.89
C GLN A 389 21.84 5.56 -22.18
N GLN A 390 22.04 4.42 -22.81
CA GLN A 390 22.80 4.36 -24.07
C GLN A 390 22.14 5.25 -25.14
N GLN A 391 20.82 5.35 -25.11
CA GLN A 391 20.02 6.14 -26.02
C GLN A 391 19.80 7.57 -25.46
N GLY A 392 20.45 7.91 -24.35
CA GLY A 392 20.29 9.24 -23.76
C GLY A 392 18.98 9.41 -23.00
N ARG A 393 18.34 8.31 -22.63
CA ARG A 393 17.05 8.39 -21.91
C ARG A 393 17.22 7.97 -20.43
N TYR A 394 16.46 8.66 -19.56
CA TYR A 394 16.58 8.44 -18.08
C TYR A 394 15.17 8.36 -17.49
N PRO A 395 14.47 7.27 -17.84
CA PRO A 395 13.11 7.13 -17.35
C PRO A 395 12.88 7.05 -15.86
N MET A 396 13.85 6.44 -15.17
CA MET A 396 13.69 6.23 -13.76
C MET A 396 14.61 7.11 -12.96
N ASN A 397 14.07 8.14 -12.31
CA ASN A 397 14.95 9.05 -11.58
C ASN A 397 14.71 9.02 -10.06
N GLY A 398 13.88 8.05 -9.63
CA GLY A 398 13.68 7.83 -8.20
C GLY A 398 14.28 6.47 -7.86
N PRO A 399 14.23 6.06 -6.59
CA PRO A 399 14.81 4.79 -6.20
C PRO A 399 13.99 3.57 -6.44
N VAL A 400 14.71 2.47 -6.46
CA VAL A 400 14.12 1.11 -6.40
C VAL A 400 13.82 0.88 -4.87
N GLU A 401 12.67 0.32 -4.55
CA GLU A 401 12.36 0.05 -3.13
C GLU A 401 11.98 -1.41 -3.05
N ILE A 402 12.52 -2.08 -2.02
CA ILE A 402 12.29 -3.53 -1.85
C ILE A 402 11.83 -3.77 -0.42
N ARG A 403 10.72 -4.51 -0.27
CA ARG A 403 10.19 -4.85 1.04
C ARG A 403 9.72 -6.32 0.96
N VAL A 404 9.51 -6.97 2.09
CA VAL A 404 9.09 -8.42 2.07
C VAL A 404 8.11 -8.63 3.19
N THR A 405 7.00 -9.31 2.87
CA THR A 405 6.01 -9.54 3.96
C THR A 405 5.57 -11.02 3.89
N GLY A 406 4.81 -11.44 4.89
CA GLY A 406 4.11 -12.73 4.78
C GLY A 406 2.88 -12.50 3.87
N LEU A 407 2.04 -13.53 3.75
CA LEU A 407 0.84 -13.46 2.92
C LEU A 407 -0.34 -13.19 3.85
N ASP A 408 -1.50 -12.86 3.26
CA ASP A 408 -2.73 -12.62 4.04
C ASP A 408 -3.38 -13.98 4.33
N ASP A 409 -2.66 -14.71 5.20
CA ASP A 409 -3.02 -16.08 5.63
C ASP A 409 -3.99 -15.97 6.80
N PRO A 410 -5.22 -16.41 6.61
CA PRO A 410 -6.20 -16.28 7.70
C PRO A 410 -5.92 -17.07 8.95
N SER A 411 -4.94 -17.97 8.91
CA SER A 411 -4.65 -18.72 10.14
C SER A 411 -4.02 -17.78 11.17
N GLU A 412 -3.59 -16.60 10.73
CA GLU A 412 -3.00 -15.62 11.65
C GLU A 412 -4.05 -14.72 12.29
N ALA A 413 -5.30 -14.84 11.81
CA ALA A 413 -6.41 -14.09 12.38
C ALA A 413 -6.92 -14.86 13.65
N ALA A 414 -7.19 -14.14 14.74
CA ALA A 414 -7.51 -14.75 16.07
C ALA A 414 -8.92 -15.26 16.25
N LEU A 415 -9.29 -16.15 15.36
CA LEU A 415 -10.58 -16.82 15.39
C LEU A 415 -10.48 -18.03 14.49
N SER A 416 -11.49 -18.88 14.61
CA SER A 416 -11.52 -20.11 13.85
C SER A 416 -12.26 -19.91 12.54
N GLY A 417 -11.70 -20.40 11.44
CA GLY A 417 -12.43 -20.28 10.18
C GLY A 417 -12.33 -18.96 9.44
N GLY A 418 -11.35 -18.14 9.81
CA GLY A 418 -11.21 -16.87 9.10
C GLY A 418 -10.95 -17.10 7.63
N VAL A 419 -11.42 -16.19 6.77
CA VAL A 419 -11.23 -16.35 5.36
C VAL A 419 -10.17 -15.39 4.79
N ALA A 420 -9.51 -15.81 3.70
CA ALA A 420 -8.54 -14.91 3.10
C ALA A 420 -9.23 -13.75 2.31
N PRO A 421 -8.60 -12.57 2.31
CA PRO A 421 -9.20 -11.49 1.52
C PRO A 421 -9.26 -11.97 0.05
N ALA A 422 -10.40 -11.90 -0.62
CA ALA A 422 -10.49 -12.42 -1.99
C ALA A 422 -9.64 -11.70 -3.02
N LEU A 423 -9.41 -10.42 -2.76
CA LEU A 423 -8.69 -9.59 -3.74
C LEU A 423 -7.40 -8.96 -3.26
N SER A 424 -6.91 -9.44 -2.12
CA SER A 424 -5.61 -8.88 -1.68
C SER A 424 -4.52 -9.40 -2.58
N ALA A 425 -3.58 -8.51 -2.91
CA ALA A 425 -2.47 -8.87 -3.76
C ALA A 425 -1.64 -10.00 -3.15
N ILE A 426 -1.73 -10.17 -1.82
CA ILE A 426 -1.00 -11.23 -1.15
C ILE A 426 -1.90 -12.32 -0.54
N ARG A 427 -3.07 -12.52 -1.18
CA ARG A 427 -3.92 -13.66 -0.77
C ARG A 427 -3.07 -14.91 -1.09
N PRO A 428 -3.14 -15.92 -0.23
CA PRO A 428 -2.39 -17.15 -0.45
C PRO A 428 -2.81 -17.90 -1.71
N ARG A 429 -1.94 -18.83 -2.11
CA ARG A 429 -2.19 -19.73 -3.28
C ARG A 429 -2.35 -21.15 -2.71
N PRO A 430 -3.62 -21.67 -2.63
CA PRO A 430 -3.85 -23.04 -2.10
C PRO A 430 -2.99 -24.09 -2.80
N ASP A 431 -2.72 -23.88 -4.08
CA ASP A 431 -1.95 -24.87 -4.84
C ASP A 431 -0.44 -24.82 -4.53
N HIS A 432 -0.03 -23.78 -3.79
CA HIS A 432 1.38 -23.62 -3.42
C HIS A 432 1.52 -23.24 -1.98
N PRO A 433 1.28 -24.18 -1.08
CA PRO A 433 1.41 -23.92 0.36
C PRO A 433 2.83 -23.52 0.72
N GLU A 434 3.80 -23.86 -0.10
CA GLU A 434 5.20 -23.54 0.15
C GLU A 434 5.50 -22.05 -0.16
N TRP A 435 4.59 -21.37 -0.89
CA TRP A 435 4.81 -19.92 -1.16
C TRP A 435 4.27 -19.23 0.10
N ASN A 436 5.19 -18.64 0.87
CA ASN A 436 4.81 -18.12 2.16
C ASN A 436 5.31 -16.71 2.40
N VAL A 437 5.83 -16.06 1.32
CA VAL A 437 6.26 -14.66 1.42
C VAL A 437 5.93 -13.98 0.15
N ALA A 438 5.88 -12.66 0.24
CA ALA A 438 5.72 -11.83 -0.94
C ALA A 438 6.85 -10.83 -0.91
N VAL A 439 7.53 -10.72 -2.08
CA VAL A 439 8.61 -9.72 -2.22
C VAL A 439 7.94 -8.56 -2.99
N TRP A 440 7.95 -7.36 -2.37
CA TRP A 440 7.35 -6.20 -2.99
C TRP A 440 8.43 -5.44 -3.75
N LEU A 441 8.16 -5.18 -5.01
CA LEU A 441 9.14 -4.50 -5.90
C LEU A 441 8.58 -3.22 -6.45
N ASP A 442 9.26 -2.09 -6.27
CA ASP A 442 8.78 -0.85 -6.91
C ASP A 442 9.91 0.01 -7.35
N ILE A 443 9.60 0.88 -8.32
CA ILE A 443 10.63 1.79 -8.84
C ILE A 443 9.90 3.12 -8.92
N LEU A 444 10.51 4.15 -8.35
CA LEU A 444 9.89 5.49 -8.28
C LEU A 444 10.50 6.41 -9.29
N THR A 445 9.67 7.33 -9.82
CA THR A 445 10.19 8.33 -10.74
C THR A 445 9.29 9.56 -10.71
N LEU A 446 9.84 10.74 -11.05
CA LEU A 446 9.00 11.94 -11.04
C LEU A 446 7.85 11.74 -12.04
N PRO A 447 6.64 12.20 -11.68
CA PRO A 447 5.50 12.01 -12.59
C PRO A 447 5.75 12.74 -13.92
N GLY A 448 5.47 12.05 -15.01
CA GLY A 448 5.65 12.70 -16.31
C GLY A 448 7.07 12.62 -16.89
N THR A 449 7.96 11.89 -16.23
CA THR A 449 9.33 11.79 -16.75
C THR A 449 9.31 11.14 -18.13
N PRO A 450 10.04 11.67 -19.11
CA PRO A 450 9.99 11.04 -20.45
C PRO A 450 10.44 9.58 -20.44
N TYR A 451 9.69 8.75 -21.20
CA TYR A 451 9.93 7.32 -21.35
C TYR A 451 9.57 6.48 -20.16
N ALA A 452 9.06 7.10 -19.08
CA ALA A 452 8.69 6.30 -17.89
C ALA A 452 7.72 5.19 -18.18
N ASN A 453 6.60 5.48 -18.86
CA ASN A 453 5.64 4.44 -19.10
C ASN A 453 6.18 3.36 -20.00
N GLN A 454 6.92 3.74 -21.03
CA GLN A 454 7.51 2.72 -21.89
C GLN A 454 8.43 1.80 -21.09
N PHE A 455 9.23 2.38 -20.17
CA PHE A 455 10.14 1.60 -19.36
C PHE A 455 9.35 0.72 -18.37
N TYR A 456 8.38 1.34 -17.70
CA TYR A 456 7.56 0.53 -16.75
C TYR A 456 6.90 -0.65 -17.50
N ARG A 457 6.50 -0.45 -18.78
CA ARG A 457 5.84 -1.57 -19.52
C ARG A 457 6.86 -2.67 -19.70
N GLU A 458 8.09 -2.31 -20.12
CA GLU A 458 9.11 -3.35 -20.27
C GLU A 458 9.35 -4.13 -18.97
N ILE A 459 9.40 -3.42 -17.85
CA ILE A 459 9.61 -4.07 -16.57
C ILE A 459 8.42 -4.98 -16.28
N GLU A 460 7.21 -4.47 -16.51
CA GLU A 460 6.02 -5.30 -16.19
C GLU A 460 5.99 -6.58 -17.04
N GLN A 461 6.25 -6.44 -18.34
CA GLN A 461 6.25 -7.65 -19.18
C GLN A 461 7.30 -8.63 -18.72
N TRP A 462 8.50 -8.14 -18.33
CA TRP A 462 9.50 -9.11 -17.90
C TRP A 462 9.09 -9.75 -16.54
N ILE A 463 8.54 -8.94 -15.62
CA ILE A 463 8.12 -9.50 -14.33
C ILE A 463 7.13 -10.64 -14.52
N GLU A 464 6.13 -10.42 -15.37
CA GLU A 464 5.15 -11.48 -15.65
C GLU A 464 5.80 -12.74 -16.30
N ALA A 465 6.78 -12.53 -17.16
CA ALA A 465 7.47 -13.66 -17.81
C ALA A 465 8.37 -14.39 -16.87
N ASN A 466 9.09 -13.63 -16.07
CA ASN A 466 10.05 -14.24 -15.15
C ASN A 466 9.54 -14.92 -13.92
N PHE A 467 8.56 -14.30 -13.30
CA PHE A 467 8.08 -14.86 -12.02
C PHE A 467 6.82 -15.67 -12.31
N ASN A 468 7.07 -16.90 -12.74
CA ASN A 468 6.01 -17.78 -13.16
C ASN A 468 6.19 -19.26 -12.76
N GLY A 469 5.38 -20.11 -13.39
CA GLY A 469 5.44 -21.54 -13.05
C GLY A 469 5.27 -21.86 -11.57
N SER A 470 6.07 -22.83 -11.07
CA SER A 470 5.99 -23.20 -9.65
C SER A 470 7.04 -22.40 -8.85
N TYR A 471 7.78 -21.55 -9.57
CA TYR A 471 8.80 -20.72 -8.94
C TYR A 471 8.20 -19.54 -8.15
N ALA A 472 7.32 -18.81 -8.83
CA ALA A 472 6.68 -17.65 -8.19
C ALA A 472 5.45 -17.20 -8.97
N ALA A 473 4.68 -16.28 -8.37
CA ALA A 473 3.55 -15.70 -9.10
C ALA A 473 3.52 -14.23 -8.78
N VAL A 474 2.81 -13.46 -9.61
CA VAL A 474 2.78 -12.00 -9.45
C VAL A 474 1.39 -11.42 -9.38
N ARG A 475 1.17 -10.49 -8.45
CA ARG A 475 -0.07 -9.76 -8.44
C ARG A 475 0.31 -8.26 -8.37
N PRO A 476 -0.45 -7.39 -9.03
CA PRO A 476 -0.11 -5.95 -8.98
C PRO A 476 -0.41 -5.36 -7.57
N GLU A 477 0.39 -4.35 -7.19
CA GLU A 477 0.12 -3.62 -5.93
C GLU A 477 -0.95 -2.57 -6.33
N TRP A 478 -2.17 -2.79 -5.85
CA TRP A 478 -3.33 -2.01 -6.31
C TRP A 478 -3.15 -0.50 -6.24
N SER A 479 -2.56 -0.05 -5.14
CA SER A 479 -2.41 1.39 -4.94
C SER A 479 -1.44 2.09 -5.92
N LYS A 480 -0.59 1.33 -6.59
CA LYS A 480 0.45 1.87 -7.43
C LYS A 480 0.16 1.69 -8.92
N GLY A 481 1.18 1.97 -9.73
CA GLY A 481 1.03 1.82 -11.20
C GLY A 481 1.26 0.39 -11.60
N TRP A 482 0.51 0.00 -12.61
CA TRP A 482 0.56 -1.35 -13.25
C TRP A 482 -0.32 -1.26 -14.52
N GLY A 483 -0.30 -2.34 -15.27
CA GLY A 483 -1.04 -2.39 -16.56
C GLY A 483 -0.59 -1.31 -17.51
N TYR A 484 0.72 -1.20 -17.71
CA TYR A 484 1.26 -0.17 -18.55
C TYR A 484 1.25 -0.36 -20.07
N THR A 485 0.92 0.72 -20.76
CA THR A 485 1.18 0.79 -22.20
C THR A 485 2.29 1.87 -22.31
N ASP A 486 2.75 2.12 -23.52
CA ASP A 486 3.77 3.13 -23.64
C ASP A 486 3.21 4.53 -23.33
N GLN A 487 1.88 4.67 -23.30
CA GLN A 487 1.24 5.96 -23.08
C GLN A 487 0.73 6.22 -21.66
N ALA A 488 0.47 5.15 -20.93
CA ALA A 488 -0.10 5.37 -19.63
C ALA A 488 -0.12 4.14 -18.79
N ALA A 489 -0.24 4.38 -17.49
CA ALA A 489 -0.43 3.28 -16.59
C ALA A 489 -1.98 2.97 -16.63
N TRP A 490 -2.32 1.78 -16.11
CA TRP A 490 -3.71 1.31 -15.96
C TRP A 490 -4.47 1.36 -17.28
N ALA A 491 -3.77 1.06 -18.37
CA ALA A 491 -4.38 1.19 -19.69
C ALA A 491 -4.20 -0.01 -20.62
N ASP A 492 -3.38 -0.99 -20.24
CA ASP A 492 -3.13 -2.11 -21.14
C ASP A 492 -4.29 -3.10 -21.13
N SER A 493 -4.90 -3.36 -22.29
CA SER A 493 -6.09 -4.25 -22.28
C SER A 493 -5.85 -5.67 -21.81
N ALA A 494 -4.77 -6.28 -22.22
CA ALA A 494 -4.51 -7.66 -21.84
C ALA A 494 -4.33 -7.75 -20.33
N MET A 495 -3.56 -6.83 -19.75
CA MET A 495 -3.36 -6.88 -18.29
C MET A 495 -4.70 -6.70 -17.53
N LEU A 496 -5.50 -5.73 -17.97
CA LEU A 496 -6.80 -5.42 -17.29
C LEU A 496 -7.84 -6.52 -17.48
N GLN A 497 -7.89 -7.08 -18.68
CA GLN A 497 -8.93 -8.06 -19.00
C GLN A 497 -8.62 -9.51 -18.75
N THR A 498 -7.35 -9.82 -18.78
CA THR A 498 -6.93 -11.18 -18.67
C THR A 498 -5.92 -11.51 -17.62
N THR A 499 -4.80 -10.80 -17.61
CA THR A 499 -3.76 -11.17 -16.69
C THR A 499 -4.11 -10.92 -15.24
N ILE A 500 -4.60 -9.73 -14.92
CA ILE A 500 -4.93 -9.50 -13.49
C ILE A 500 -6.09 -10.38 -13.02
N PRO A 501 -7.19 -10.48 -13.76
CA PRO A 501 -8.28 -11.35 -13.32
C PRO A 501 -7.73 -12.79 -13.17
N ASN A 502 -6.92 -13.26 -14.12
CA ASN A 502 -6.38 -14.61 -13.98
C ASN A 502 -5.51 -14.77 -12.75
N ALA A 503 -4.88 -13.68 -12.28
CA ALA A 503 -4.08 -13.82 -11.07
C ALA A 503 -4.94 -14.17 -9.86
N PHE A 504 -6.20 -13.85 -9.96
CA PHE A 504 -7.15 -14.15 -8.93
C PHE A 504 -8.03 -15.37 -9.18
N ARG A 505 -7.64 -16.14 -10.19
CA ARG A 505 -8.34 -17.44 -10.46
C ARG A 505 -7.33 -18.55 -10.25
N ALA A 506 -6.07 -18.28 -10.55
CA ALA A 506 -5.08 -19.36 -10.43
C ALA A 506 -5.03 -19.99 -9.05
N GLY A 507 -5.14 -21.33 -9.00
CA GLY A 507 -5.07 -22.01 -7.72
C GLY A 507 -6.25 -21.87 -6.78
N GLN A 508 -7.31 -21.16 -7.19
CA GLN A 508 -8.41 -20.93 -6.30
C GLN A 508 -9.65 -21.69 -6.68
N PRO A 509 -10.45 -22.02 -5.67
CA PRO A 509 -11.72 -22.73 -5.92
C PRO A 509 -12.60 -21.72 -6.65
N ALA A 510 -13.45 -22.22 -7.55
CA ALA A 510 -14.37 -21.33 -8.27
C ALA A 510 -15.17 -20.45 -7.32
N ALA A 511 -15.61 -20.98 -6.18
CA ALA A 511 -16.44 -20.24 -5.25
C ALA A 511 -15.78 -19.10 -4.55
N ALA A 512 -14.45 -19.05 -4.65
CA ALA A 512 -13.67 -18.03 -3.97
C ALA A 512 -12.71 -17.33 -4.91
N ASN A 513 -13.04 -17.25 -6.19
CA ASN A 513 -12.11 -16.65 -7.10
C ASN A 513 -12.55 -15.25 -7.62
N TRP A 514 -11.78 -14.73 -8.57
CA TRP A 514 -12.08 -13.39 -9.12
C TRP A 514 -13.55 -13.22 -9.48
N ASP A 515 -14.06 -14.23 -10.23
CA ASP A 515 -15.46 -14.11 -10.66
C ASP A 515 -16.46 -14.13 -9.52
N ALA A 516 -16.24 -14.95 -8.50
CA ALA A 516 -17.12 -14.98 -7.37
C ALA A 516 -17.06 -13.62 -6.62
N ALA A 517 -15.86 -13.05 -6.50
CA ALA A 517 -15.74 -11.76 -5.77
C ALA A 517 -16.49 -10.67 -6.55
N LYS A 518 -16.24 -10.61 -7.86
CA LYS A 518 -16.93 -9.62 -8.73
C LYS A 518 -18.46 -9.77 -8.58
N ALA A 519 -18.94 -11.02 -8.63
CA ALA A 519 -20.39 -11.20 -8.48
C ALA A 519 -20.92 -10.75 -7.12
N ALA A 520 -20.17 -11.03 -6.06
CA ALA A 520 -20.64 -10.61 -4.76
C ALA A 520 -20.65 -9.09 -4.67
N LEU A 521 -19.57 -8.42 -5.15
CA LEU A 521 -19.56 -6.98 -5.06
C LEU A 521 -20.72 -6.34 -5.87
N ALA A 522 -21.04 -6.94 -7.02
CA ALA A 522 -22.17 -6.46 -7.80
C ALA A 522 -23.53 -6.68 -7.07
N ALA A 523 -23.63 -7.79 -6.36
CA ALA A 523 -24.85 -8.05 -5.62
C ALA A 523 -25.00 -7.06 -4.48
N TYR A 524 -23.88 -6.73 -3.86
CA TYR A 524 -23.85 -5.75 -2.79
C TYR A 524 -24.06 -4.30 -3.29
N ASP A 525 -23.86 -4.06 -4.58
CA ASP A 525 -24.00 -2.69 -5.13
C ASP A 525 -24.58 -2.76 -6.53
N PRO A 526 -25.87 -3.11 -6.63
CA PRO A 526 -26.51 -3.23 -7.97
C PRO A 526 -26.57 -1.97 -8.77
N TYR A 527 -26.53 -0.82 -8.13
CA TYR A 527 -26.55 0.44 -8.89
C TYR A 527 -25.16 0.88 -9.33
N ARG A 528 -24.16 0.11 -8.94
CA ARG A 528 -22.76 0.41 -9.21
C ARG A 528 -22.39 1.81 -8.77
N LEU A 529 -22.74 2.12 -7.54
CA LEU A 529 -22.32 3.40 -6.94
C LEU A 529 -20.80 3.40 -6.70
N PHE A 530 -20.26 2.23 -6.37
CA PHE A 530 -18.84 2.28 -5.86
C PHE A 530 -17.89 1.89 -6.95
N SER A 531 -17.62 2.83 -7.84
CA SER A 531 -16.70 2.51 -8.89
C SER A 531 -16.08 3.76 -9.49
N SER A 532 -15.07 3.50 -10.33
CA SER A 532 -14.38 4.57 -11.09
C SER A 532 -14.10 3.97 -12.46
N PRO A 533 -13.75 4.79 -13.47
CA PRO A 533 -13.44 4.21 -14.78
C PRO A 533 -12.42 3.07 -14.78
N LEU A 534 -11.37 3.15 -13.94
CA LEU A 534 -10.42 2.05 -13.85
C LEU A 534 -11.10 0.78 -13.35
N LEU A 535 -11.92 0.88 -12.30
CA LEU A 535 -12.58 -0.33 -11.76
C LEU A 535 -13.51 -0.90 -12.83
N ASP A 536 -14.08 -0.01 -13.65
CA ASP A 536 -14.96 -0.48 -14.73
C ASP A 536 -14.11 -1.21 -15.79
N SER A 537 -12.94 -0.64 -16.11
CA SER A 537 -12.07 -1.22 -17.15
C SER A 537 -11.52 -2.58 -16.71
N LEU A 538 -11.32 -2.75 -15.39
CA LEU A 538 -10.84 -4.02 -14.81
C LEU A 538 -11.93 -5.05 -14.77
N GLY A 539 -13.15 -4.56 -14.86
CA GLY A 539 -14.29 -5.44 -14.77
C GLY A 539 -14.50 -6.00 -13.38
N LEU A 540 -14.16 -5.22 -12.38
CA LEU A 540 -14.37 -5.63 -11.03
C LEU A 540 -15.70 -5.06 -10.57
#